data_2WAW
#
_entry.id   2WAW
#
_cell.length_a   39.081
_cell.length_b   61.746
_cell.length_c   80.059
_cell.angle_alpha   90.00
_cell.angle_beta   90.00
_cell.angle_gamma   90.00
#
_symmetry.space_group_name_H-M   'P 21 21 21'
#
loop_
_entity.id
_entity.type
_entity.pdbx_description
1 polymer 'MOBA RELATE PROTEIN'
2 non-polymer 'TRIETHYLENE GLYCOL'
3 non-polymer 'CHLORIDE ION'
4 water water
#
_entity_poly.entity_id   1
_entity_poly.type   'polypeptide(L)'
_entity_poly.pdbx_seq_one_letter_code
;MLRSRVTGVVLAAGYSRRLGTPKQLLPLGDTTLLGATLAMARRCPFDQLIVTLGGAADEVLEKVELDGLDIVLVDDAGLG
(CSO)SSSLKSALTWVDPTAEGIVLMLGDQPGITASAVASLIAGGRGATIAVCEYANGIGHPFWVSRGVFGDLAELHGDK
GVWRLIESGRHGVRRIRVDADVPLDVDTWDDYERLLASVVRLE
;
_entity_poly.pdbx_strand_id   A
#
loop_
_chem_comp.id
_chem_comp.type
_chem_comp.name
_chem_comp.formula
CL non-polymer 'CHLORIDE ION' 'Cl -1'
PGE non-polymer 'TRIETHYLENE GLYCOL' 'C6 H14 O4'
#
# COMPACT_ATOMS: atom_id res chain seq x y z
N LEU A 2 2.27 10.88 21.54
CA LEU A 2 1.23 11.36 20.57
C LEU A 2 0.82 10.23 19.61
N ARG A 3 -0.15 9.43 20.04
CA ARG A 3 -0.77 8.40 19.21
C ARG A 3 -1.38 9.01 17.95
N SER A 4 -1.26 8.32 16.82
CA SER A 4 -1.96 8.76 15.61
C SER A 4 -3.36 8.17 15.51
N ARG A 5 -3.58 7.02 16.19
CA ARG A 5 -4.80 6.22 16.03
C ARG A 5 -4.99 5.78 14.56
N VAL A 6 -3.88 5.52 13.90
CA VAL A 6 -3.90 5.04 12.52
C VAL A 6 -3.03 3.76 12.39
N THR A 7 -3.56 2.76 11.70
CA THR A 7 -2.80 1.58 11.30
C THR A 7 -2.48 1.67 9.83
N GLY A 8 -1.21 1.48 9.48
CA GLY A 8 -0.82 1.37 8.08
C GLY A 8 -0.91 -0.07 7.62
N VAL A 9 -1.33 -0.29 6.38
CA VAL A 9 -1.46 -1.64 5.84
C VAL A 9 -0.78 -1.60 4.46
N VAL A 10 0.32 -2.34 4.34
CA VAL A 10 1.01 -2.47 3.07
C VAL A 10 0.62 -3.80 2.46
N LEU A 11 -0.09 -3.73 1.34
CA LEU A 11 -0.56 -4.94 0.64
C LEU A 11 0.54 -5.43 -0.28
N ALA A 12 1.13 -6.58 0.07
CA ALA A 12 2.31 -7.09 -0.64
C ALA A 12 2.20 -8.57 -0.97
N ALA A 13 0.97 -9.02 -1.16
CA ALA A 13 0.66 -10.42 -1.47
C ALA A 13 0.32 -10.56 -2.97
N GLY A 14 1.04 -11.44 -3.65
CA GLY A 14 0.75 -11.73 -5.05
C GLY A 14 1.04 -10.64 -6.06
N TYR A 15 0.25 -10.64 -7.15
CA TYR A 15 0.36 -9.68 -8.26
C TYR A 15 1.74 -9.68 -8.91
N SER A 16 2.37 -10.86 -8.99
CA SER A 16 3.75 -10.99 -9.50
CA SER A 16 3.72 -10.93 -9.53
C SER A 16 3.91 -11.93 -10.69
N ARG A 17 2.81 -12.50 -11.20
CA ARG A 17 2.94 -13.51 -12.27
C ARG A 17 3.60 -13.02 -13.55
N ARG A 18 3.35 -11.76 -13.90
CA ARG A 18 3.94 -11.20 -15.13
C ARG A 18 5.44 -11.01 -15.04
N LEU A 19 5.95 -10.69 -13.85
CA LEU A 19 7.39 -10.55 -13.65
C LEU A 19 8.13 -11.88 -13.82
N GLY A 20 7.48 -12.96 -13.42
CA GLY A 20 8.10 -14.28 -13.40
C GLY A 20 8.98 -14.54 -12.19
N THR A 21 8.90 -13.66 -11.20
CA THR A 21 9.73 -13.73 -10.01
C THR A 21 9.03 -12.85 -8.97
N PRO A 22 9.25 -13.10 -7.65
CA PRO A 22 8.54 -12.26 -6.67
C PRO A 22 8.96 -10.78 -6.76
N LYS A 23 8.04 -9.90 -7.14
CA LYS A 23 8.41 -8.50 -7.32
C LYS A 23 8.90 -7.84 -6.02
N GLN A 24 8.42 -8.36 -4.89
CA GLN A 24 8.77 -7.86 -3.56
C GLN A 24 10.30 -7.85 -3.37
N LEU A 25 10.95 -8.80 -4.02
CA LEU A 25 12.39 -9.02 -3.86
C LEU A 25 13.27 -8.41 -4.94
N LEU A 26 12.69 -7.78 -5.92
CA LEU A 26 13.47 -7.10 -6.97
C LEU A 26 14.43 -6.05 -6.38
N PRO A 27 15.70 -6.07 -6.81
CA PRO A 27 16.66 -5.09 -6.33
C PRO A 27 16.21 -3.67 -6.67
N LEU A 28 16.33 -2.77 -5.70
CA LEU A 28 16.06 -1.37 -5.92
C LEU A 28 17.12 -0.63 -5.11
N GLY A 29 18.25 -0.40 -5.78
CA GLY A 29 19.40 0.23 -5.14
C GLY A 29 20.00 -0.68 -4.08
N ASP A 30 20.15 -0.15 -2.87
CA ASP A 30 20.75 -0.89 -1.75
C ASP A 30 19.75 -1.77 -1.04
N THR A 31 18.51 -1.77 -1.53
CA THR A 31 17.46 -2.54 -0.87
C THR A 31 16.62 -3.32 -1.90
N THR A 32 15.48 -3.84 -1.49
CA THR A 32 14.56 -4.53 -2.41
C THR A 32 13.36 -3.60 -2.62
N LEU A 33 12.49 -3.95 -3.55
CA LEU A 33 11.34 -3.13 -3.80
C LEU A 33 10.45 -3.06 -2.57
N LEU A 34 10.15 -4.18 -1.97
CA LEU A 34 9.38 -4.13 -0.77
C LEU A 34 10.09 -3.43 0.40
N GLY A 35 11.40 -3.66 0.51
CA GLY A 35 12.21 -3.01 1.54
C GLY A 35 12.17 -1.49 1.42
N ALA A 36 12.18 -1.00 0.18
CA ALA A 36 12.10 0.43 -0.03
C ALA A 36 10.74 1.01 0.42
N THR A 37 9.67 0.31 0.08
CA THR A 37 8.33 0.72 0.50
C THR A 37 8.19 0.70 2.03
N LEU A 38 8.73 -0.35 2.67
CA LEU A 38 8.59 -0.47 4.13
C LEU A 38 9.47 0.54 4.86
N ALA A 39 10.63 0.86 4.29
CA ALA A 39 11.49 1.94 4.84
C ALA A 39 10.70 3.24 4.95
N MET A 40 9.92 3.56 3.91
CA MET A 40 9.08 4.76 3.92
C MET A 40 7.90 4.62 4.89
N ALA A 41 7.25 3.44 4.85
CA ALA A 41 6.06 3.20 5.68
C ALA A 41 6.40 3.34 7.18
N ARG A 42 7.61 2.92 7.55
CA ARG A 42 8.02 3.01 8.96
C ARG A 42 8.15 4.46 9.44
N ARG A 43 8.43 5.37 8.50
CA ARG A 43 8.56 6.79 8.81
C ARG A 43 7.24 7.56 8.84
N CYS A 44 6.14 6.90 8.49
CA CYS A 44 4.79 7.50 8.51
C CYS A 44 4.26 7.52 9.95
N PRO A 45 3.26 8.37 10.21
CA PRO A 45 2.68 8.46 11.55
C PRO A 45 1.65 7.35 11.80
N PHE A 46 2.12 6.10 11.81
CA PHE A 46 1.27 4.97 12.15
C PHE A 46 1.60 4.50 13.55
N ASP A 47 0.59 3.99 14.24
CA ASP A 47 0.78 3.31 15.52
C ASP A 47 1.09 1.83 15.34
N GLN A 48 0.71 1.29 14.18
CA GLN A 48 0.85 -0.11 13.86
C GLN A 48 1.08 -0.19 12.36
N LEU A 49 1.91 -1.12 11.95
CA LEU A 49 2.12 -1.39 10.54
C LEU A 49 2.00 -2.87 10.23
N ILE A 50 1.06 -3.18 9.35
CA ILE A 50 0.77 -4.53 8.89
C ILE A 50 1.24 -4.72 7.46
N VAL A 51 1.89 -5.81 7.20
CA VAL A 51 2.30 -6.15 5.83
C VAL A 51 1.72 -7.51 5.49
N THR A 52 1.06 -7.59 4.32
CA THR A 52 0.53 -8.89 3.88
C THR A 52 1.47 -9.49 2.85
N LEU A 53 1.60 -10.82 2.92
CA LEU A 53 2.44 -11.55 2.01
C LEU A 53 1.71 -12.78 1.55
N GLY A 54 2.02 -13.23 0.34
CA GLY A 54 1.34 -14.40 -0.21
C GLY A 54 2.27 -15.60 -0.37
N GLY A 55 2.19 -16.24 -1.53
CA GLY A 55 2.96 -17.46 -1.82
C GLY A 55 4.47 -17.35 -1.69
N ALA A 56 5.01 -16.15 -1.92
CA ALA A 56 6.44 -15.88 -1.81
C ALA A 56 6.92 -15.54 -0.40
N ALA A 57 6.04 -15.69 0.60
CA ALA A 57 6.33 -15.26 1.98
C ALA A 57 7.63 -15.82 2.52
N ASP A 58 7.88 -17.11 2.28
CA ASP A 58 9.09 -17.77 2.77
C ASP A 58 10.35 -17.04 2.33
N GLU A 59 10.44 -16.75 1.04
CA GLU A 59 11.58 -16.02 0.45
CA GLU A 59 11.61 -16.04 0.51
C GLU A 59 11.66 -14.59 1.01
N VAL A 60 10.50 -13.94 1.10
CA VAL A 60 10.44 -12.57 1.61
C VAL A 60 10.90 -12.46 3.07
N LEU A 61 10.50 -13.41 3.88
CA LEU A 61 10.87 -13.43 5.26
C LEU A 61 12.38 -13.55 5.41
N GLU A 62 13.01 -14.27 4.50
CA GLU A 62 14.45 -14.43 4.51
C GLU A 62 15.21 -13.17 4.12
N LYS A 63 14.62 -12.30 3.31
CA LYS A 63 15.37 -11.22 2.62
C LYS A 63 14.92 -9.78 2.88
N VAL A 64 13.81 -9.58 3.55
CA VAL A 64 13.34 -8.22 3.83
C VAL A 64 13.26 -8.03 5.33
N GLU A 65 13.58 -6.85 5.81
CA GLU A 65 13.50 -6.63 7.24
C GLU A 65 12.08 -6.29 7.67
N LEU A 66 11.50 -7.23 8.37
CA LEU A 66 10.16 -7.13 8.88
C LEU A 66 9.99 -7.02 10.40
N ASP A 67 11.08 -6.85 11.13
CA ASP A 67 10.99 -6.74 12.57
C ASP A 67 10.12 -5.60 13.01
N GLY A 68 9.27 -5.86 13.96
CA GLY A 68 8.40 -4.88 14.51
C GLY A 68 7.13 -4.64 13.75
N LEU A 69 6.96 -5.34 12.66
CA LEU A 69 5.78 -5.25 11.84
C LEU A 69 4.84 -6.41 12.12
N ASP A 70 3.55 -6.24 11.88
CA ASP A 70 2.60 -7.36 11.95
C ASP A 70 2.51 -7.98 10.57
N ILE A 71 2.95 -9.23 10.47
CA ILE A 71 3.03 -9.95 9.20
C ILE A 71 1.82 -10.85 9.04
N VAL A 72 1.09 -10.65 7.95
CA VAL A 72 -0.17 -11.39 7.73
C VAL A 72 0.04 -12.25 6.48
N LEU A 73 0.02 -13.58 6.65
CA LEU A 73 0.37 -14.48 5.53
C LEU A 73 -0.90 -15.08 4.96
N VAL A 74 -1.05 -15.04 3.65
CA VAL A 74 -2.24 -15.58 2.98
C VAL A 74 -1.84 -16.52 1.84
N ASP A 75 -2.81 -17.31 1.39
CA ASP A 75 -2.64 -18.14 0.20
C ASP A 75 -2.69 -17.30 -1.06
N ASP A 76 -2.08 -17.79 -2.13
CA ASP A 76 -2.30 -17.21 -3.46
C ASP A 76 -3.78 -17.31 -3.84
N ALA A 77 -4.29 -16.27 -4.51
CA ALA A 77 -5.73 -16.20 -4.85
C ALA A 77 -6.02 -16.27 -6.35
N GLY A 78 -4.99 -16.48 -7.15
CA GLY A 78 -5.16 -16.57 -8.59
C GLY A 78 -4.49 -15.40 -9.29
N LEU A 79 -4.40 -15.50 -10.60
CA LEU A 79 -3.77 -14.48 -11.42
C LEU A 79 -4.49 -13.15 -11.32
N GLY A 80 -3.72 -12.07 -11.15
CA GLY A 80 -4.26 -10.70 -11.06
C GLY A 80 -5.19 -10.47 -9.89
N CSO A 81 -5.01 -11.26 -8.83
CA CSO A 81 -5.88 -11.22 -7.65
CB CSO A 81 -6.98 -12.28 -7.85
SG CSO A 81 -8.22 -12.14 -6.54
C CSO A 81 -5.11 -11.54 -6.36
O CSO A 81 -4.19 -12.36 -6.35
OD CSO A 81 -9.34 -10.85 -6.99
N SER A 82 -5.51 -10.88 -5.27
CA SER A 82 -5.15 -11.29 -3.91
C SER A 82 -6.30 -10.94 -2.97
N SER A 83 -6.49 -11.74 -1.92
CA SER A 83 -7.50 -11.43 -0.89
C SER A 83 -6.92 -11.11 0.50
N SER A 84 -5.70 -10.57 0.52
CA SER A 84 -5.01 -10.38 1.79
C SER A 84 -5.65 -9.31 2.71
N LEU A 85 -6.31 -8.32 2.13
CA LEU A 85 -6.92 -7.26 2.93
C LEU A 85 -7.94 -7.78 3.95
N LYS A 86 -8.77 -8.76 3.54
CA LYS A 86 -9.68 -9.43 4.47
C LYS A 86 -8.99 -9.93 5.75
N SER A 87 -7.88 -10.63 5.56
CA SER A 87 -7.11 -11.12 6.70
C SER A 87 -6.47 -9.98 7.49
N ALA A 88 -5.91 -9.00 6.79
CA ALA A 88 -5.24 -7.88 7.46
C ALA A 88 -6.14 -7.16 8.43
N LEU A 89 -7.42 -6.99 8.05
CA LEU A 89 -8.37 -6.24 8.86
C LEU A 89 -8.54 -6.86 10.26
N THR A 90 -8.47 -8.18 10.31
CA THR A 90 -8.66 -8.90 11.58
C THR A 90 -7.55 -8.58 12.61
N TRP A 91 -6.41 -8.10 12.10
CA TRP A 91 -5.22 -7.75 12.89
C TRP A 91 -5.14 -6.28 13.31
N VAL A 92 -6.00 -5.45 12.76
CA VAL A 92 -5.97 -4.00 13.05
C VAL A 92 -6.29 -3.75 14.52
N ASP A 93 -5.44 -2.99 15.16
CA ASP A 93 -5.61 -2.58 16.60
CA ASP A 93 -5.68 -2.58 16.55
C ASP A 93 -7.02 -1.93 16.78
N PRO A 94 -7.75 -2.32 17.81
CA PRO A 94 -9.03 -1.63 18.06
C PRO A 94 -8.94 -0.11 18.24
N THR A 95 -7.79 0.39 18.68
CA THR A 95 -7.62 1.84 18.82
C THR A 95 -7.52 2.59 17.49
N ALA A 96 -7.30 1.88 16.38
CA ALA A 96 -7.15 2.58 15.10
C ALA A 96 -8.51 3.14 14.68
N GLU A 97 -8.54 4.41 14.29
CA GLU A 97 -9.75 5.06 13.80
C GLU A 97 -9.96 4.78 12.30
N GLY A 98 -8.88 4.36 11.65
CA GLY A 98 -8.94 3.95 10.25
C GLY A 98 -7.60 3.37 9.86
N ILE A 99 -7.50 2.97 8.60
CA ILE A 99 -6.25 2.47 8.08
C ILE A 99 -5.83 3.30 6.91
N VAL A 100 -4.53 3.29 6.63
CA VAL A 100 -3.99 3.79 5.39
C VAL A 100 -3.48 2.60 4.59
N LEU A 101 -3.97 2.49 3.36
CA LEU A 101 -3.64 1.39 2.43
C LEU A 101 -2.63 1.81 1.42
N MET A 102 -1.59 0.99 1.26
CA MET A 102 -0.66 1.21 0.18
CA MET A 102 -0.47 1.22 0.36
C MET A 102 -0.17 -0.11 -0.34
N LEU A 103 0.38 -0.09 -1.56
CA LEU A 103 0.91 -1.30 -2.18
C LEU A 103 2.38 -1.49 -1.85
N GLY A 104 2.82 -2.74 -1.73
CA GLY A 104 4.22 -3.05 -1.42
C GLY A 104 5.19 -2.61 -2.51
N ASP A 105 4.64 -2.33 -3.69
CA ASP A 105 5.42 -1.98 -4.89
C ASP A 105 5.31 -0.50 -5.29
N GLN A 106 4.94 0.34 -4.34
CA GLN A 106 4.87 1.78 -4.53
C GLN A 106 5.76 2.56 -3.55
N PRO A 107 7.07 2.44 -3.71
CA PRO A 107 8.00 3.09 -2.76
C PRO A 107 8.08 4.60 -2.89
N GLY A 108 7.53 5.13 -3.98
CA GLY A 108 7.58 6.58 -4.25
C GLY A 108 6.58 7.41 -3.47
N ILE A 109 5.65 6.76 -2.77
CA ILE A 109 4.78 7.46 -1.83
C ILE A 109 5.65 8.12 -0.76
N THR A 110 5.21 9.26 -0.22
CA THR A 110 5.96 9.96 0.81
C THR A 110 5.23 9.98 2.15
N ALA A 111 6.02 10.01 3.22
CA ALA A 111 5.49 10.13 4.58
C ALA A 111 4.70 11.44 4.75
N SER A 112 5.14 12.52 4.11
CA SER A 112 4.40 13.78 4.16
CA SER A 112 4.42 13.79 4.15
CA SER A 112 4.42 13.79 4.15
C SER A 112 3.02 13.63 3.54
N ALA A 113 2.92 12.94 2.41
CA ALA A 113 1.63 12.73 1.74
C ALA A 113 0.72 11.87 2.64
N VAL A 114 1.29 10.84 3.27
CA VAL A 114 0.51 10.01 4.20
C VAL A 114 -0.01 10.87 5.38
N ALA A 115 0.85 11.72 5.94
CA ALA A 115 0.43 12.60 7.04
C ALA A 115 -0.74 13.51 6.61
N SER A 116 -0.63 14.14 5.44
CA SER A 116 -1.71 14.96 4.92
C SER A 116 -3.00 14.18 4.66
N LEU A 117 -2.85 12.97 4.14
CA LEU A 117 -3.98 12.07 3.93
C LEU A 117 -4.71 11.77 5.23
N ILE A 118 -3.95 11.43 6.27
CA ILE A 118 -4.56 11.10 7.56
C ILE A 118 -5.31 12.31 8.11
N ALA A 119 -4.73 13.49 7.96
CA ALA A 119 -5.32 14.69 8.53
C ALA A 119 -6.65 14.96 7.85
N GLY A 120 -6.68 14.82 6.51
CA GLY A 120 -7.92 14.98 5.74
C GLY A 120 -8.92 13.87 6.01
N GLY A 121 -8.40 12.70 6.37
CA GLY A 121 -9.26 11.55 6.66
C GLY A 121 -9.97 11.56 8.01
N ARG A 122 -9.46 12.32 8.97
CA ARG A 122 -10.20 12.50 10.23
C ARG A 122 -11.60 13.02 9.86
N GLY A 123 -12.64 12.28 10.21
CA GLY A 123 -13.99 12.71 9.86
C GLY A 123 -14.45 12.57 8.41
N ALA A 124 -13.63 11.94 7.56
CA ALA A 124 -14.08 11.47 6.23
C ALA A 124 -14.20 9.95 6.27
N THR A 125 -15.17 9.41 5.55
CA THR A 125 -15.36 7.96 5.47
C THR A 125 -14.24 7.29 4.70
N ILE A 126 -13.92 7.83 3.52
CA ILE A 126 -12.76 7.42 2.71
C ILE A 126 -12.03 8.68 2.28
N ALA A 127 -10.71 8.60 2.20
CA ALA A 127 -9.97 9.69 1.53
C ALA A 127 -8.93 9.12 0.59
N VAL A 128 -8.58 9.90 -0.43
CA VAL A 128 -7.63 9.45 -1.44
C VAL A 128 -6.66 10.57 -1.78
N CYS A 129 -5.48 10.21 -2.26
CA CYS A 129 -4.56 11.24 -2.75
C CYS A 129 -4.90 11.60 -4.19
N GLU A 130 -4.95 12.90 -4.45
CA GLU A 130 -5.17 13.41 -5.78
C GLU A 130 -3.89 14.03 -6.27
N TYR A 131 -3.24 13.32 -7.18
CA TYR A 131 -1.98 13.76 -7.77
C TYR A 131 -2.26 14.61 -9.00
N ALA A 132 -1.21 15.17 -9.59
CA ALA A 132 -1.33 16.02 -10.76
C ALA A 132 -1.97 15.30 -11.97
N ASN A 133 -1.77 13.97 -12.05
CA ASN A 133 -2.25 13.17 -13.19
C ASN A 133 -3.23 12.07 -12.79
N GLY A 134 -3.89 12.25 -11.65
CA GLY A 134 -4.96 11.35 -11.22
C GLY A 134 -4.94 10.98 -9.75
N ILE A 135 -5.97 10.25 -9.33
CA ILE A 135 -6.13 9.71 -7.98
CA ILE A 135 -6.02 9.79 -7.95
C ILE A 135 -5.25 8.47 -7.80
N GLY A 136 -4.72 8.28 -6.61
CA GLY A 136 -3.97 7.06 -6.35
C GLY A 136 -3.68 6.85 -4.89
N HIS A 137 -3.04 5.72 -4.61
CA HIS A 137 -2.56 5.41 -3.26
C HIS A 137 -1.61 6.47 -2.76
N PRO A 138 -1.53 6.66 -1.42
CA PRO A 138 -2.25 5.94 -0.35
C PRO A 138 -3.73 6.32 -0.21
N PHE A 139 -4.51 5.36 0.29
CA PHE A 139 -5.94 5.57 0.57
C PHE A 139 -6.17 5.56 2.07
N TRP A 140 -7.13 6.35 2.55
CA TRP A 140 -7.60 6.27 3.92
C TRP A 140 -8.95 5.62 3.92
N VAL A 141 -9.15 4.67 4.84
CA VAL A 141 -10.46 4.04 5.04
C VAL A 141 -10.77 4.03 6.54
N SER A 142 -11.90 4.64 6.90
CA SER A 142 -12.32 4.81 8.27
C SER A 142 -12.87 3.49 8.79
N ARG A 143 -12.78 3.29 10.10
CA ARG A 143 -13.25 2.07 10.75
C ARG A 143 -14.70 1.74 10.39
N GLY A 144 -15.52 2.78 10.21
CA GLY A 144 -16.94 2.60 9.90
C GLY A 144 -17.24 1.80 8.64
N VAL A 145 -16.30 1.76 7.70
CA VAL A 145 -16.51 0.98 6.48
C VAL A 145 -15.56 -0.23 6.33
N PHE A 146 -14.92 -0.62 7.44
CA PHE A 146 -14.14 -1.85 7.48
C PHE A 146 -14.95 -3.06 6.97
N GLY A 147 -16.23 -3.13 7.34
CA GLY A 147 -17.11 -4.20 6.84
C GLY A 147 -17.23 -4.26 5.32
N ASP A 148 -17.35 -3.09 4.69
CA ASP A 148 -17.45 -3.02 3.23
C ASP A 148 -16.13 -3.42 2.52
N LEU A 149 -15.00 -3.00 3.09
CA LEU A 149 -13.70 -3.44 2.62
C LEU A 149 -13.58 -4.94 2.64
N ALA A 150 -14.02 -5.54 3.74
CA ALA A 150 -13.91 -6.97 3.95
C ALA A 150 -14.64 -7.75 2.85
N GLU A 151 -15.73 -7.16 2.34
CA GLU A 151 -16.57 -7.77 1.31
C GLU A 151 -16.07 -7.61 -0.14
N LEU A 152 -15.01 -6.84 -0.34
CA LEU A 152 -14.40 -6.73 -1.67
C LEU A 152 -13.77 -8.07 -2.06
N HIS A 153 -13.77 -8.35 -3.36
CA HIS A 153 -13.28 -9.64 -3.87
C HIS A 153 -11.77 -9.64 -4.07
N GLY A 154 -11.15 -8.46 -4.09
CA GLY A 154 -9.69 -8.39 -4.25
C GLY A 154 -9.08 -7.15 -3.66
N ASP A 155 -7.78 -7.21 -3.38
CA ASP A 155 -7.03 -6.12 -2.75
C ASP A 155 -7.02 -4.82 -3.55
N LYS A 156 -7.13 -4.95 -4.88
CA LYS A 156 -7.08 -3.78 -5.78
C LYS A 156 -8.45 -3.47 -6.32
N GLY A 157 -9.46 -3.74 -5.50
CA GLY A 157 -10.84 -3.44 -5.87
C GLY A 157 -11.44 -2.34 -5.02
N VAL A 158 -10.60 -1.70 -4.20
CA VAL A 158 -11.02 -0.57 -3.34
C VAL A 158 -11.58 0.59 -4.18
N TRP A 159 -11.10 0.70 -5.41
CA TRP A 159 -11.60 1.72 -6.32
CA TRP A 159 -11.60 1.69 -6.36
C TRP A 159 -13.11 1.59 -6.53
N ARG A 160 -13.65 0.39 -6.38
CA ARG A 160 -15.11 0.19 -6.55
C ARG A 160 -15.94 0.80 -5.42
N LEU A 161 -15.41 0.75 -4.20
CA LEU A 161 -16.02 1.42 -3.06
C LEU A 161 -15.91 2.94 -3.27
N ILE A 162 -14.71 3.38 -3.65
CA ILE A 162 -14.42 4.80 -3.92
C ILE A 162 -15.35 5.37 -4.98
N GLU A 163 -15.58 4.60 -6.04
CA GLU A 163 -16.35 5.08 -7.19
C GLU A 163 -17.85 4.79 -7.08
N SER A 164 -18.25 4.05 -6.05
CA SER A 164 -19.64 3.65 -5.86
C SER A 164 -20.61 4.79 -5.54
N GLY A 165 -20.11 5.85 -4.90
CA GLY A 165 -20.94 6.99 -4.49
C GLY A 165 -21.74 6.79 -3.21
N ARG A 166 -21.57 5.63 -2.57
CA ARG A 166 -22.28 5.35 -1.30
C ARG A 166 -21.64 6.06 -0.12
N HIS A 167 -20.34 6.36 -0.24
CA HIS A 167 -19.58 6.93 0.88
C HIS A 167 -18.90 8.22 0.47
N GLY A 168 -18.73 9.13 1.43
CA GLY A 168 -17.96 10.35 1.20
C GLY A 168 -16.53 9.98 0.89
N VAL A 169 -15.98 10.62 -0.14
CA VAL A 169 -14.61 10.39 -0.56
C VAL A 169 -13.90 11.72 -0.65
N ARG A 170 -12.97 11.94 0.27
CA ARG A 170 -12.25 13.21 0.28
C ARG A 170 -10.97 13.13 -0.55
N ARG A 171 -10.80 14.07 -1.48
CA ARG A 171 -9.59 14.11 -2.31
C ARG A 171 -8.55 15.04 -1.71
N ILE A 172 -7.39 14.50 -1.36
CA ILE A 172 -6.31 15.27 -0.73
C ILE A 172 -5.24 15.51 -1.78
N ARG A 173 -5.02 16.77 -2.13
CA ARG A 173 -4.07 17.13 -3.18
CA ARG A 173 -4.07 17.10 -3.19
C ARG A 173 -2.63 16.85 -2.77
N VAL A 174 -1.86 16.23 -3.67
CA VAL A 174 -0.43 15.99 -3.50
C VAL A 174 0.27 16.57 -4.74
N ASP A 175 1.30 17.40 -4.52
CA ASP A 175 1.98 18.10 -5.61
C ASP A 175 3.05 17.18 -6.19
N ALA A 176 2.59 16.13 -6.87
CA ALA A 176 3.42 15.11 -7.49
C ALA A 176 2.55 14.34 -8.48
N ASP A 177 3.16 13.50 -9.31
CA ASP A 177 2.42 12.51 -10.11
C ASP A 177 2.14 11.24 -9.30
N VAL A 178 1.16 10.46 -9.74
CA VAL A 178 0.84 9.15 -9.13
C VAL A 178 2.15 8.34 -9.03
N PRO A 179 2.41 7.72 -7.86
CA PRO A 179 3.63 6.92 -7.68
C PRO A 179 3.64 5.75 -8.65
N LEU A 180 4.81 5.40 -9.15
CA LEU A 180 4.94 4.25 -10.02
C LEU A 180 4.69 3.00 -9.19
N ASP A 181 4.09 2.00 -9.84
CA ASP A 181 4.01 0.66 -9.25
CA ASP A 181 3.99 0.66 -9.25
C ASP A 181 4.54 -0.36 -10.25
N VAL A 182 4.48 -1.65 -9.90
CA VAL A 182 5.16 -2.66 -10.71
C VAL A 182 4.22 -3.84 -11.01
N ASP A 183 3.71 -3.89 -12.25
CA ASP A 183 2.90 -5.01 -12.76
C ASP A 183 3.73 -5.90 -13.68
N THR A 184 4.64 -5.28 -14.43
CA THR A 184 5.33 -5.96 -15.51
C THR A 184 6.82 -5.69 -15.38
N TRP A 185 7.64 -6.45 -16.11
CA TRP A 185 9.09 -6.20 -16.08
C TRP A 185 9.40 -4.79 -16.54
N ASP A 186 8.67 -4.32 -17.56
CA ASP A 186 8.87 -2.94 -18.02
C ASP A 186 8.59 -1.93 -16.91
N ASP A 187 7.54 -2.14 -16.13
CA ASP A 187 7.25 -1.25 -15.00
C ASP A 187 8.44 -1.18 -14.03
N TYR A 188 9.02 -2.34 -13.76
CA TYR A 188 10.16 -2.45 -12.84
C TYR A 188 11.34 -1.64 -13.36
N GLU A 189 11.69 -1.81 -14.64
CA GLU A 189 12.82 -1.08 -15.18
CA GLU A 189 12.81 -1.10 -15.23
C GLU A 189 12.59 0.41 -15.16
N ARG A 190 11.33 0.83 -15.37
CA ARG A 190 10.99 2.26 -15.32
CA ARG A 190 11.00 2.27 -15.32
C ARG A 190 11.16 2.81 -13.90
N LEU A 191 10.73 2.04 -12.92
CA LEU A 191 10.90 2.45 -11.54
C LEU A 191 12.36 2.48 -11.15
N LEU A 192 13.10 1.47 -11.55
CA LEU A 192 14.49 1.43 -11.22
C LEU A 192 15.25 2.63 -11.84
N ALA A 193 14.93 2.95 -13.06
CA ALA A 193 15.52 4.11 -13.73
C ALA A 193 15.23 5.41 -12.97
N SER A 194 14.05 5.51 -12.36
CA SER A 194 13.71 6.73 -11.60
CA SER A 194 13.70 6.72 -11.58
C SER A 194 14.53 6.80 -10.31
N VAL A 195 14.71 5.65 -9.66
CA VAL A 195 15.52 5.55 -8.46
C VAL A 195 17.00 5.86 -8.78
N VAL A 196 17.50 5.28 -9.88
CA VAL A 196 18.85 5.61 -10.37
C VAL A 196 18.98 7.11 -10.68
N ARG A 197 17.99 7.69 -11.36
CA ARG A 197 17.98 9.14 -11.68
C ARG A 197 17.93 10.05 -10.45
N LEU A 198 17.11 9.73 -9.47
CA LEU A 198 16.90 10.59 -8.33
C LEU A 198 17.92 10.31 -7.33
N GLU A 199 18.81 9.39 -7.63
CA GLU A 199 19.86 9.12 -6.69
C GLU A 199 20.96 10.08 -6.98
C1 PGE B . 11.01 7.27 -5.61
O1 PGE B . 11.05 7.34 -7.03
C2 PGE B . 11.27 5.84 -5.16
O2 PGE B . 12.29 5.84 -4.17
C3 PGE B . 12.50 4.54 -3.61
C4 PGE B . 13.75 4.58 -2.75
O4 PGE B . 18.16 2.81 -2.80
C6 PGE B . 16.76 2.65 -2.53
C5 PGE B . 16.03 3.93 -2.86
O3 PGE B . 14.69 3.63 -3.24
CL CL C . 3.51 -13.36 -2.91
CL CL D . -0.59 -12.00 -10.86
#